data_8JOS
#
_entry.id   8JOS
#
_cell.length_a   53.911
_cell.length_b   71.911
_cell.length_c   128.648
_cell.angle_alpha   90.00
_cell.angle_beta   90.00
_cell.angle_gamma   90.00
#
_symmetry.space_group_name_H-M   'P 21 21 21'
#
loop_
_entity.id
_entity.type
_entity.pdbx_description
1 polymer Acyltransferase
2 non-polymer 'CHLORIDE ION'
3 non-polymer 'TRIETHYLENE GLYCOL'
4 water water
#
_entity_poly.entity_id   1
_entity_poly.type   'polypeptide(L)'
_entity_poly.pdbx_seq_one_letter_code
;MGSSHHHHHHSSGLVPRGSHMLGDQVWKEVSSNTLRRPLIGVEKMINYAEYYQNGNFQLTIALSLDTNLSADKMQERLGL
ALWTVRGYLPELGTWTVGSSQDSTLDLDHVTFKAIQTVEEAQEWIEDTAILVDEGTTVSEMVDLLSNKRIEPVGKQFRAY
LVSQPRHGKPALVMNASHTLNGHRMLFQGSAILQALVDARLTALVASSNSSREALEAVFVPEDISRLARKLPQSLNTAYA
DKFRPDEADVEAGFAKLGERILNSTQPTLGIPRFSTPSQNPQYTLGSANGQPLTMLNLRRQIGVTEHRMLHRAFKKRGSS
LPSFTYACIVNSIDRRCKASTSEADEAPGANLVYSAHASRWFPAETFMSRSPVNMAIVPGSGYVAPEELRSKQRGRDLNE
SELFALAKTIRAKQEQYLESPHIISYTAQVGDDIAAAMAETANKQRQAGTDPYVALSENSPAICPPTLTSQGEVPIKNLY
TPEGASFDPKPKQPEYEYIYFGEGLLGGRTTDASVCFALWSLAGILTLQAHFDSRFFDAQVIDTILDDVVLQLRRSAASA
VDEAPEAKL
;
_entity_poly.pdbx_strand_id   A
#
# COMPACT_ATOMS: atom_id res chain seq x y z
N MET A 21 -12.40 -17.81 -18.52
CA MET A 21 -13.79 -17.61 -18.14
C MET A 21 -13.99 -17.74 -16.63
N LEU A 22 -13.00 -18.28 -15.92
CA LEU A 22 -13.11 -18.34 -14.47
C LEU A 22 -13.24 -16.94 -13.87
N GLY A 23 -12.67 -15.93 -14.53
CA GLY A 23 -12.78 -14.57 -14.02
C GLY A 23 -14.17 -13.98 -14.18
N ASP A 24 -14.78 -14.19 -15.36
CA ASP A 24 -16.13 -13.68 -15.58
C ASP A 24 -17.13 -14.44 -14.73
N GLN A 25 -17.17 -15.77 -14.86
CA GLN A 25 -18.12 -16.59 -14.14
C GLN A 25 -18.08 -16.37 -12.63
N VAL A 26 -17.03 -15.73 -12.11
CA VAL A 26 -16.92 -15.63 -10.66
C VAL A 26 -17.79 -14.49 -10.12
N TRP A 27 -17.89 -13.37 -10.84
CA TRP A 27 -18.86 -12.33 -10.53
C TRP A 27 -20.23 -12.81 -10.99
N LYS A 28 -21.13 -13.09 -10.05
CA LYS A 28 -22.47 -13.58 -10.38
C LYS A 28 -23.50 -12.50 -10.06
N GLU A 29 -24.52 -12.42 -10.90
CA GLU A 29 -25.64 -11.53 -10.62
C GLU A 29 -26.40 -12.09 -9.42
N VAL A 30 -26.44 -11.35 -8.33
CA VAL A 30 -27.07 -11.80 -7.11
C VAL A 30 -28.35 -11.02 -6.80
N SER A 31 -28.54 -9.86 -7.41
CA SER A 31 -29.78 -9.10 -7.35
C SER A 31 -29.94 -8.41 -8.69
N SER A 32 -31.01 -7.64 -8.85
CA SER A 32 -31.34 -7.06 -10.16
C SER A 32 -30.16 -6.33 -10.77
N ASN A 33 -29.48 -5.50 -9.98
CA ASN A 33 -28.39 -4.68 -10.48
C ASN A 33 -27.15 -4.83 -9.60
N THR A 34 -26.97 -6.01 -9.00
CA THR A 34 -25.85 -6.24 -8.10
C THR A 34 -25.08 -7.48 -8.53
N LEU A 35 -23.76 -7.35 -8.58
CA LEU A 35 -22.85 -8.44 -8.86
C LEU A 35 -22.14 -8.81 -7.56
N ARG A 36 -21.76 -10.07 -7.42
CA ARG A 36 -21.05 -10.48 -6.23
C ARG A 36 -20.04 -11.57 -6.58
N ARG A 37 -18.86 -11.52 -5.98
CA ARG A 37 -17.94 -12.66 -6.08
C ARG A 37 -17.32 -12.95 -4.72
N PRO A 38 -16.86 -14.18 -4.50
CA PRO A 38 -16.13 -14.48 -3.27
C PRO A 38 -14.74 -13.84 -3.26
N LEU A 39 -14.28 -13.50 -2.06
CA LEU A 39 -12.88 -13.12 -1.85
C LEU A 39 -12.05 -14.39 -1.67
N ILE A 40 -10.87 -14.39 -2.29
CA ILE A 40 -10.02 -15.58 -2.35
C ILE A 40 -8.57 -15.14 -2.14
N GLY A 41 -7.89 -15.75 -1.18
CA GLY A 41 -6.46 -15.52 -1.08
C GLY A 41 -6.09 -14.37 -0.17
N VAL A 42 -5.01 -13.66 -0.50
CA VAL A 42 -4.55 -12.58 0.37
C VAL A 42 -5.65 -11.53 0.57
N GLU A 43 -6.43 -11.25 -0.49
CA GLU A 43 -7.49 -10.24 -0.39
C GLU A 43 -8.50 -10.59 0.71
N LYS A 44 -8.74 -11.88 0.96
CA LYS A 44 -9.66 -12.26 2.01
C LYS A 44 -9.05 -12.04 3.39
N MET A 45 -7.78 -12.44 3.56
CA MET A 45 -7.04 -12.10 4.77
C MET A 45 -7.09 -10.62 5.07
N ILE A 46 -6.83 -9.79 4.06
CA ILE A 46 -6.83 -8.34 4.27
C ILE A 46 -8.21 -7.86 4.69
N ASN A 47 -9.27 -8.34 4.04
CA ASN A 47 -10.61 -7.87 4.39
C ASN A 47 -10.93 -8.18 5.85
N TYR A 48 -10.56 -9.36 6.32
CA TYR A 48 -10.79 -9.70 7.73
C TYR A 48 -9.95 -8.81 8.65
N ALA A 49 -8.69 -8.55 8.31
CA ALA A 49 -7.85 -7.68 9.14
C ALA A 49 -8.43 -6.27 9.20
N GLU A 50 -8.96 -5.78 8.09
CA GLU A 50 -9.52 -4.43 8.10
C GLU A 50 -10.73 -4.35 9.01
N TYR A 51 -11.52 -5.42 9.05
CA TYR A 51 -12.70 -5.42 9.90
C TYR A 51 -12.35 -5.64 11.36
N TYR A 52 -11.56 -6.66 11.65
CA TYR A 52 -11.31 -7.02 13.04
C TYR A 52 -10.15 -6.27 13.66
N GLN A 53 -9.31 -5.63 12.86
CA GLN A 53 -8.14 -4.92 13.38
C GLN A 53 -8.18 -3.45 12.99
N ASN A 54 -9.39 -2.87 13.01
CA ASN A 54 -9.58 -1.42 12.96
C ASN A 54 -8.87 -0.80 11.75
N GLY A 55 -9.05 -1.41 10.58
CA GLY A 55 -8.54 -0.83 9.36
C GLY A 55 -7.08 -1.11 9.07
N ASN A 56 -6.54 -2.17 9.66
CA ASN A 56 -5.16 -2.56 9.39
C ASN A 56 -4.97 -2.69 7.89
N PHE A 57 -3.83 -2.20 7.39
CA PHE A 57 -3.38 -2.23 6.00
C PHE A 57 -3.99 -1.14 5.11
N GLN A 58 -4.96 -0.37 5.59
CA GLN A 58 -5.58 0.59 4.70
C GLN A 58 -4.60 1.68 4.30
N LEU A 59 -4.80 2.21 3.09
CA LEU A 59 -3.84 3.03 2.38
C LEU A 59 -4.32 4.46 2.27
N THR A 60 -3.41 5.42 2.45
CA THR A 60 -3.67 6.82 2.14
C THR A 60 -2.53 7.32 1.28
N ILE A 61 -2.84 7.91 0.12
CA ILE A 61 -1.81 8.43 -0.79
C ILE A 61 -2.20 9.85 -1.17
N ALA A 62 -1.26 10.79 -1.00
CA ALA A 62 -1.47 12.15 -1.48
C ALA A 62 -0.61 12.39 -2.72
N LEU A 63 -1.21 13.04 -3.73
CA LEU A 63 -0.48 13.51 -4.91
C LEU A 63 -0.46 15.03 -4.83
N SER A 64 0.71 15.60 -4.60
CA SER A 64 0.82 17.02 -4.34
C SER A 64 0.90 17.76 -5.67
N LEU A 65 0.11 18.82 -5.82
CA LEU A 65 -0.14 19.39 -7.14
C LEU A 65 0.39 20.81 -7.27
N ASP A 66 1.05 21.07 -8.39
CA ASP A 66 1.18 22.42 -8.93
C ASP A 66 0.13 22.59 -10.02
N THR A 67 -0.60 23.70 -9.99
CA THR A 67 -1.69 23.85 -10.95
C THR A 67 -2.01 25.32 -11.09
N ASN A 68 -2.43 25.71 -12.29
CA ASN A 68 -2.98 27.05 -12.50
C ASN A 68 -4.50 27.03 -12.53
N LEU A 69 -5.12 25.92 -12.10
CA LEU A 69 -6.55 25.89 -11.84
C LEU A 69 -6.86 26.54 -10.50
N SER A 70 -7.84 27.43 -10.49
CA SER A 70 -8.30 28.01 -9.24
C SER A 70 -8.94 26.92 -8.39
N ALA A 71 -8.90 27.11 -7.07
CA ALA A 71 -9.57 26.18 -6.18
C ALA A 71 -11.04 26.05 -6.57
N ASP A 72 -11.64 27.14 -7.03
CA ASP A 72 -13.05 27.12 -7.40
C ASP A 72 -13.30 26.17 -8.57
N LYS A 73 -12.46 26.25 -9.62
CA LYS A 73 -12.60 25.31 -10.74
C LYS A 73 -12.45 23.87 -10.28
N MET A 74 -11.46 23.59 -9.42
CA MET A 74 -11.23 22.21 -9.00
C MET A 74 -12.43 21.70 -8.19
N GLN A 75 -12.99 22.55 -7.34
CA GLN A 75 -14.14 22.15 -6.54
C GLN A 75 -15.36 21.87 -7.40
N GLU A 76 -15.60 22.67 -8.45
CA GLU A 76 -16.78 22.44 -9.26
C GLU A 76 -16.63 21.30 -10.25
N ARG A 77 -15.40 20.79 -10.45
CA ARG A 77 -15.18 19.68 -11.37
C ARG A 77 -14.99 18.35 -10.68
N LEU A 78 -14.70 18.34 -9.36
CA LEU A 78 -14.24 17.09 -8.74
C LEU A 78 -15.28 15.99 -8.83
N GLY A 79 -16.54 16.31 -8.48
CA GLY A 79 -17.54 15.25 -8.44
C GLY A 79 -17.77 14.63 -9.80
N LEU A 80 -17.88 15.46 -10.83
CA LEU A 80 -18.08 14.95 -12.17
C LEU A 80 -16.84 14.22 -12.66
N ALA A 81 -15.66 14.65 -12.23
CA ALA A 81 -14.44 13.94 -12.60
C ALA A 81 -14.48 12.53 -12.04
N LEU A 82 -14.83 12.40 -10.76
CA LEU A 82 -14.94 11.08 -10.15
C LEU A 82 -16.03 10.23 -10.83
N TRP A 83 -17.15 10.85 -11.18
CA TRP A 83 -18.19 10.08 -11.87
C TRP A 83 -17.67 9.57 -13.22
N THR A 84 -17.00 10.45 -13.98
N THR A 84 -16.99 10.43 -13.98
CA THR A 84 -16.43 10.06 -15.27
CA THR A 84 -16.48 9.99 -15.28
C THR A 84 -15.46 8.89 -15.10
C THR A 84 -15.44 8.88 -15.13
N VAL A 85 -14.59 8.97 -14.11
CA VAL A 85 -13.60 7.91 -13.89
C VAL A 85 -14.28 6.60 -13.52
N ARG A 86 -15.31 6.66 -12.66
CA ARG A 86 -16.10 5.47 -12.32
C ARG A 86 -16.63 4.76 -13.55
N GLY A 87 -16.96 5.53 -14.60
CA GLY A 87 -17.48 4.91 -15.82
C GLY A 87 -16.56 3.86 -16.39
N TYR A 88 -15.26 4.12 -16.40
CA TYR A 88 -14.39 3.07 -16.90
C TYR A 88 -13.58 2.36 -15.82
N LEU A 89 -13.70 2.78 -14.56
CA LEU A 89 -13.13 2.09 -13.41
C LEU A 89 -14.21 1.79 -12.38
N PRO A 90 -15.15 0.90 -12.69
CA PRO A 90 -16.21 0.56 -11.72
C PRO A 90 -15.68 -0.02 -10.44
N GLU A 91 -14.42 -0.47 -10.42
CA GLU A 91 -13.76 -0.87 -9.19
C GLU A 91 -13.92 0.14 -8.07
N LEU A 92 -14.08 1.44 -8.41
CA LEU A 92 -14.18 2.44 -7.36
C LEU A 92 -15.45 2.27 -6.53
N GLY A 93 -16.46 1.60 -7.06
CA GLY A 93 -17.74 1.43 -6.38
C GLY A 93 -18.01 0.09 -5.73
N THR A 94 -16.97 -0.71 -5.54
CA THR A 94 -17.15 -2.01 -4.90
C THR A 94 -17.32 -1.87 -3.39
N TRP A 95 -17.73 -2.96 -2.75
CA TRP A 95 -18.08 -2.97 -1.33
C TRP A 95 -17.77 -4.36 -0.78
N THR A 96 -17.14 -4.45 0.41
CA THR A 96 -16.67 -5.76 0.88
C THR A 96 -17.21 -6.20 2.24
N VAL A 97 -18.11 -5.45 2.86
CA VAL A 97 -18.70 -5.88 4.12
C VAL A 97 -20.21 -5.85 3.95
N GLY A 98 -20.84 -7.01 4.10
CA GLY A 98 -22.29 -7.06 4.01
C GLY A 98 -22.90 -8.05 4.98
N SER A 99 -24.00 -8.66 4.58
CA SER A 99 -24.59 -9.70 5.41
C SER A 99 -25.20 -10.76 4.51
N SER A 100 -25.59 -11.87 5.13
CA SER A 100 -26.38 -12.89 4.46
C SER A 100 -27.85 -12.71 4.83
N GLN A 101 -28.71 -13.60 4.31
CA GLN A 101 -30.13 -13.52 4.62
C GLN A 101 -30.39 -13.78 6.09
N ASP A 102 -29.54 -14.58 6.75
CA ASP A 102 -29.69 -14.92 8.16
C ASP A 102 -29.00 -13.93 9.08
N SER A 103 -29.00 -12.64 8.71
CA SER A 103 -28.45 -11.54 9.50
C SER A 103 -26.92 -11.51 9.49
N THR A 104 -26.30 -12.69 9.40
CA THR A 104 -24.89 -12.81 9.74
C THR A 104 -24.02 -11.88 8.91
N LEU A 105 -23.07 -11.24 9.58
CA LEU A 105 -22.02 -10.46 8.93
C LEU A 105 -21.32 -11.26 7.83
N ASP A 106 -21.09 -10.62 6.69
CA ASP A 106 -20.44 -11.28 5.56
C ASP A 106 -19.14 -10.55 5.24
N LEU A 107 -18.00 -11.19 5.50
CA LEU A 107 -16.69 -10.65 5.19
C LEU A 107 -16.05 -11.38 4.02
N ASP A 108 -16.78 -12.31 3.40
CA ASP A 108 -16.22 -13.25 2.45
C ASP A 108 -16.47 -12.90 0.99
N HIS A 109 -17.13 -11.77 0.70
CA HIS A 109 -17.48 -11.43 -0.68
C HIS A 109 -17.20 -9.96 -0.98
N VAL A 110 -17.14 -9.65 -2.25
CA VAL A 110 -17.15 -8.27 -2.72
C VAL A 110 -18.37 -8.12 -3.60
N THR A 111 -19.07 -7.00 -3.46
CA THR A 111 -20.24 -6.72 -4.25
C THR A 111 -20.05 -5.43 -5.05
N PHE A 112 -20.81 -5.32 -6.13
CA PHE A 112 -20.84 -4.09 -6.93
C PHE A 112 -22.30 -3.79 -7.26
N LYS A 113 -22.76 -2.60 -6.85
CA LYS A 113 -24.09 -2.11 -7.19
C LYS A 113 -24.01 -1.21 -8.42
N ALA A 114 -24.68 -1.60 -9.50
CA ALA A 114 -24.73 -0.75 -10.68
C ALA A 114 -25.76 0.35 -10.46
N ILE A 115 -25.33 1.59 -10.61
CA ILE A 115 -26.18 2.74 -10.26
C ILE A 115 -27.15 3.00 -11.40
N GLN A 116 -28.44 3.15 -11.07
CA GLN A 116 -29.48 3.24 -12.08
C GLN A 116 -30.15 4.59 -12.19
N THR A 117 -29.93 5.50 -11.24
CA THR A 117 -30.59 6.80 -11.28
C THR A 117 -29.61 7.92 -10.97
N VAL A 118 -29.99 9.13 -11.40
CA VAL A 118 -29.18 10.32 -11.14
C VAL A 118 -29.07 10.57 -9.64
N GLU A 119 -30.16 10.36 -8.90
CA GLU A 119 -30.11 10.63 -7.46
C GLU A 119 -29.11 9.70 -6.80
N GLU A 120 -29.11 8.43 -7.20
CA GLU A 120 -28.18 7.45 -6.64
C GLU A 120 -26.76 7.77 -7.04
N ALA A 121 -26.56 8.19 -8.30
CA ALA A 121 -25.24 8.64 -8.75
C ALA A 121 -24.75 9.84 -7.95
N GLN A 122 -25.63 10.81 -7.73
CA GLN A 122 -25.24 12.00 -6.97
C GLN A 122 -24.92 11.66 -5.53
N GLU A 123 -25.69 10.73 -4.95
CA GLU A 123 -25.37 10.27 -3.59
C GLU A 123 -23.94 9.72 -3.53
N TRP A 124 -23.59 8.86 -4.49
CA TRP A 124 -22.27 8.25 -4.48
C TRP A 124 -21.17 9.29 -4.68
N ILE A 125 -21.39 10.21 -5.63
CA ILE A 125 -20.42 11.29 -5.86
C ILE A 125 -20.17 12.06 -4.58
N GLU A 126 -21.24 12.42 -3.88
CA GLU A 126 -21.01 13.30 -2.73
C GLU A 126 -20.42 12.54 -1.55
N ASP A 127 -20.54 11.21 -1.54
CA ASP A 127 -19.90 10.40 -0.52
C ASP A 127 -18.45 10.07 -0.86
N THR A 128 -18.06 10.22 -2.12
CA THR A 128 -16.78 9.72 -2.59
C THR A 128 -15.83 10.82 -3.08
N ALA A 129 -16.35 11.99 -3.47
CA ALA A 129 -15.53 13.13 -3.90
C ALA A 129 -15.70 14.22 -2.85
N ILE A 130 -14.76 14.28 -1.92
CA ILE A 130 -14.86 15.17 -0.77
C ILE A 130 -14.04 16.42 -1.01
N LEU A 131 -14.66 17.58 -0.80
CA LEU A 131 -13.95 18.86 -0.80
C LEU A 131 -13.54 19.18 0.63
N VAL A 132 -12.24 19.25 0.88
CA VAL A 132 -11.77 19.43 2.24
C VAL A 132 -11.95 20.87 2.68
N ASP A 133 -12.35 21.05 3.95
CA ASP A 133 -12.55 22.38 4.51
C ASP A 133 -11.30 23.24 4.36
N GLU A 134 -11.51 24.45 3.83
CA GLU A 134 -10.53 25.54 3.82
C GLU A 134 -9.55 25.49 4.98
N GLY A 135 -8.25 25.40 4.68
CA GLY A 135 -7.26 25.53 5.71
C GLY A 135 -6.47 24.28 5.99
N THR A 136 -7.16 23.14 6.13
CA THR A 136 -6.48 21.89 6.45
C THR A 136 -5.42 21.57 5.41
N THR A 137 -4.24 21.16 5.86
CA THR A 137 -3.13 20.91 4.97
C THR A 137 -3.13 19.47 4.52
N VAL A 138 -2.34 19.20 3.48
CA VAL A 138 -2.24 17.85 2.93
C VAL A 138 -1.63 16.91 3.97
N SER A 139 -0.57 17.35 4.65
N SER A 139 -0.59 17.36 4.67
CA SER A 139 0.03 16.54 5.70
CA SER A 139 0.02 16.52 5.70
C SER A 139 -1.01 16.19 6.76
C SER A 139 -0.97 16.20 6.81
N GLU A 140 -1.79 17.18 7.19
CA GLU A 140 -2.82 16.94 8.20
C GLU A 140 -3.84 15.91 7.75
N MET A 141 -4.28 15.99 6.49
CA MET A 141 -5.20 14.98 5.95
C MET A 141 -4.61 13.59 5.94
N VAL A 142 -3.35 13.46 5.53
CA VAL A 142 -2.73 12.14 5.50
C VAL A 142 -2.63 11.57 6.91
N ASP A 143 -2.28 12.42 7.88
CA ASP A 143 -2.24 11.99 9.28
C ASP A 143 -3.61 11.53 9.75
N LEU A 144 -4.64 12.34 9.47
CA LEU A 144 -5.98 12.01 9.97
C LEU A 144 -6.49 10.72 9.37
N LEU A 145 -6.37 10.58 8.04
CA LEU A 145 -6.94 9.43 7.36
C LEU A 145 -6.21 8.15 7.71
N SER A 146 -4.89 8.21 7.86
CA SER A 146 -4.15 7.01 8.20
C SER A 146 -4.34 6.62 9.66
N ASN A 147 -4.97 7.47 10.47
CA ASN A 147 -5.17 7.20 11.88
C ASN A 147 -6.59 6.71 12.18
N LYS A 148 -7.37 6.35 11.17
CA LYS A 148 -8.71 5.78 11.42
C LYS A 148 -9.06 4.82 10.28
N ARG A 149 -10.05 3.97 10.56
N ARG A 149 -10.01 3.92 10.56
CA ARG A 149 -10.56 3.05 9.55
CA ARG A 149 -10.50 3.05 9.52
C ARG A 149 -11.53 3.78 8.64
C ARG A 149 -11.52 3.78 8.63
N ILE A 150 -11.53 3.40 7.36
CA ILE A 150 -12.52 3.93 6.43
C ILE A 150 -13.93 3.62 6.91
N GLU A 151 -14.82 4.60 6.78
CA GLU A 151 -16.22 4.41 7.15
C GLU A 151 -17.12 4.79 5.98
N PRO A 152 -18.27 4.12 5.83
CA PRO A 152 -18.75 2.95 6.57
C PRO A 152 -17.85 1.75 6.26
N VAL A 153 -17.76 0.77 7.15
CA VAL A 153 -16.94 -0.40 6.86
C VAL A 153 -17.49 -1.08 5.61
N GLY A 154 -16.58 -1.47 4.72
CA GLY A 154 -16.92 -2.01 3.44
C GLY A 154 -16.62 -1.06 2.30
N LYS A 155 -16.66 0.24 2.55
CA LYS A 155 -16.31 1.21 1.51
C LYS A 155 -14.87 1.03 1.06
N GLN A 156 -14.64 1.09 -0.26
CA GLN A 156 -13.32 0.74 -0.78
C GLN A 156 -12.45 1.92 -1.18
N PHE A 157 -13.01 3.10 -1.46
CA PHE A 157 -12.24 4.17 -2.05
C PHE A 157 -12.92 5.49 -1.75
N ARG A 158 -12.12 6.49 -1.38
CA ARG A 158 -12.60 7.87 -1.26
C ARG A 158 -11.53 8.84 -1.71
N ALA A 159 -11.93 9.91 -2.39
CA ALA A 159 -11.01 10.92 -2.88
C ALA A 159 -11.29 12.21 -2.13
N TYR A 160 -10.23 12.86 -1.64
CA TYR A 160 -10.31 14.13 -0.95
C TYR A 160 -9.49 15.16 -1.73
N LEU A 161 -10.12 16.25 -2.11
CA LEU A 161 -9.42 17.34 -2.74
C LEU A 161 -9.09 18.38 -1.69
N VAL A 162 -7.80 18.54 -1.42
CA VAL A 162 -7.33 19.59 -0.53
C VAL A 162 -6.95 20.73 -1.47
N SER A 163 -7.89 21.67 -1.68
CA SER A 163 -7.67 22.75 -2.63
C SER A 163 -7.34 24.09 -2.00
N GLN A 164 -7.57 24.26 -0.71
CA GLN A 164 -7.31 25.54 -0.04
C GLN A 164 -6.55 25.37 1.27
N PRO A 165 -5.39 24.69 1.25
CA PRO A 165 -4.62 24.53 2.50
C PRO A 165 -4.03 25.86 2.93
N ARG A 166 -3.92 26.06 4.24
CA ARG A 166 -3.37 27.33 4.72
C ARG A 166 -1.88 27.43 4.45
N HIS A 167 -1.23 26.30 4.25
CA HIS A 167 0.11 26.30 3.68
C HIS A 167 0.39 24.94 3.06
N GLY A 168 1.49 24.88 2.31
CA GLY A 168 1.73 23.75 1.45
C GLY A 168 0.97 23.87 0.13
N LYS A 169 1.20 22.89 -0.71
CA LYS A 169 0.53 22.83 -1.99
C LYS A 169 -0.79 22.07 -1.87
N PRO A 170 -1.75 22.32 -2.76
CA PRO A 170 -2.95 21.48 -2.80
C PRO A 170 -2.60 20.06 -3.22
N ALA A 171 -3.54 19.14 -2.99
CA ALA A 171 -3.27 17.74 -3.35
C ALA A 171 -4.56 16.98 -3.53
N LEU A 172 -4.46 15.91 -4.34
CA LEU A 172 -5.49 14.87 -4.35
C LEU A 172 -5.08 13.81 -3.35
N VAL A 173 -5.92 13.57 -2.35
CA VAL A 173 -5.62 12.59 -1.31
C VAL A 173 -6.62 11.45 -1.41
N MET A 174 -6.12 10.22 -1.61
CA MET A 174 -6.98 9.06 -1.78
C MET A 174 -6.85 8.17 -0.56
N ASN A 175 -7.96 7.64 -0.08
CA ASN A 175 -8.02 6.73 1.06
C ASN A 175 -8.70 5.48 0.55
N ALA A 176 -8.03 4.32 0.67
CA ALA A 176 -8.58 3.10 0.08
C ALA A 176 -8.38 1.91 1.00
N SER A 177 -9.33 0.99 0.95
CA SER A 177 -9.12 -0.35 1.48
C SER A 177 -8.00 -1.05 0.71
N HIS A 178 -7.19 -1.83 1.41
CA HIS A 178 -6.17 -2.63 0.73
C HIS A 178 -6.73 -3.90 0.11
N THR A 179 -8.01 -4.22 0.36
CA THR A 179 -8.54 -5.53 -0.09
C THR A 179 -8.42 -5.68 -1.60
N LEU A 180 -8.76 -4.62 -2.34
CA LEU A 180 -8.75 -4.63 -3.81
C LEU A 180 -7.89 -3.50 -4.34
N ASN A 181 -6.83 -3.12 -3.63
CA ASN A 181 -6.05 -2.00 -4.11
C ASN A 181 -4.60 -2.16 -3.68
N GLY A 182 -3.79 -1.21 -4.11
CA GLY A 182 -2.37 -1.17 -3.84
C GLY A 182 -1.76 -0.16 -4.78
N HIS A 183 -0.82 -0.63 -5.60
CA HIS A 183 -0.25 0.07 -6.76
C HIS A 183 -1.34 0.79 -7.56
N ARG A 184 -2.48 0.12 -7.70
CA ARG A 184 -3.56 0.62 -8.55
C ARG A 184 -3.99 2.02 -8.15
N MET A 185 -3.87 2.40 -6.86
CA MET A 185 -4.34 3.74 -6.50
C MET A 185 -3.64 4.85 -7.26
N LEU A 186 -2.38 4.66 -7.62
CA LEU A 186 -1.69 5.70 -8.38
C LEU A 186 -2.34 5.90 -9.74
N PHE A 187 -2.74 4.80 -10.41
CA PHE A 187 -3.45 4.93 -11.69
C PHE A 187 -4.83 5.54 -11.51
N GLN A 188 -5.54 5.17 -10.43
CA GLN A 188 -6.84 5.79 -10.15
C GLN A 188 -6.68 7.30 -9.96
N GLY A 189 -5.64 7.70 -9.23
CA GLY A 189 -5.39 9.13 -9.06
C GLY A 189 -5.05 9.79 -10.37
N SER A 190 -4.23 9.14 -11.20
CA SER A 190 -3.88 9.71 -12.50
C SER A 190 -5.14 9.93 -13.35
N ALA A 191 -6.08 8.97 -13.30
CA ALA A 191 -7.31 9.12 -14.07
C ALA A 191 -8.13 10.33 -13.59
N ILE A 192 -8.19 10.52 -12.28
CA ILE A 192 -8.94 11.65 -11.72
C ILE A 192 -8.30 12.95 -12.12
N LEU A 193 -6.96 13.04 -12.03
CA LEU A 193 -6.29 14.27 -12.44
C LEU A 193 -6.50 14.56 -13.92
N GLN A 194 -6.47 13.53 -14.77
CA GLN A 194 -6.74 13.76 -16.18
C GLN A 194 -8.15 14.27 -16.39
N ALA A 195 -9.12 13.72 -15.65
CA ALA A 195 -10.52 14.12 -15.83
C ALA A 195 -10.74 15.57 -15.40
N LEU A 196 -9.97 16.04 -14.42
CA LEU A 196 -10.15 17.38 -13.87
C LEU A 196 -9.84 18.47 -14.90
N VAL A 197 -8.98 18.19 -15.87
CA VAL A 197 -8.64 19.15 -16.91
C VAL A 197 -9.13 18.73 -18.28
N ASP A 198 -9.86 17.62 -18.37
CA ASP A 198 -10.40 17.14 -19.63
C ASP A 198 -11.29 18.20 -20.26
N ALA A 199 -11.00 18.52 -21.54
CA ALA A 199 -11.74 19.57 -22.24
C ALA A 199 -13.23 19.30 -22.30
N ARG A 200 -13.62 18.03 -22.40
CA ARG A 200 -15.05 17.71 -22.51
C ARG A 200 -15.78 17.94 -21.19
N LEU A 201 -15.11 17.63 -20.08
CA LEU A 201 -15.70 17.88 -18.76
C LEU A 201 -15.78 19.37 -18.48
N THR A 202 -14.73 20.12 -18.83
CA THR A 202 -14.76 21.56 -18.63
C THR A 202 -15.91 22.21 -19.39
N ALA A 203 -16.13 21.79 -20.65
CA ALA A 203 -17.24 22.33 -21.43
C ALA A 203 -18.58 22.00 -20.79
N LEU A 204 -18.74 20.77 -20.30
CA LEU A 204 -19.95 20.38 -19.59
C LEU A 204 -20.23 21.28 -18.40
N VAL A 205 -19.23 21.50 -17.55
CA VAL A 205 -19.43 22.35 -16.39
C VAL A 205 -19.78 23.78 -16.81
N ALA A 206 -19.11 24.27 -17.87
CA ALA A 206 -19.39 25.62 -18.33
C ALA A 206 -20.81 25.77 -18.87
N SER A 207 -21.36 24.69 -19.46
N SER A 207 -21.37 24.71 -19.45
CA SER A 207 -22.67 24.72 -20.08
CA SER A 207 -22.68 24.78 -20.08
C SER A 207 -23.82 24.52 -19.11
C SER A 207 -23.83 24.40 -19.15
N SER A 208 -23.54 24.03 -17.89
CA SER A 208 -24.57 23.59 -16.97
C SER A 208 -24.71 24.55 -15.78
N ASN A 209 -25.93 24.60 -15.24
CA ASN A 209 -26.21 25.42 -14.06
C ASN A 209 -25.60 24.85 -12.79
N SER A 210 -25.27 23.56 -12.76
CA SER A 210 -24.86 22.88 -11.55
C SER A 210 -24.30 21.52 -11.94
N SER A 211 -23.63 20.89 -10.99
CA SER A 211 -23.14 19.53 -11.19
C SER A 211 -24.28 18.56 -11.42
N ARG A 212 -25.40 18.76 -10.71
CA ARG A 212 -26.53 17.85 -10.87
C ARG A 212 -27.12 17.98 -12.27
N GLU A 213 -27.23 19.20 -12.77
CA GLU A 213 -27.76 19.39 -14.14
C GLU A 213 -26.81 18.76 -15.14
N ALA A 214 -25.51 18.91 -14.94
CA ALA A 214 -24.54 18.28 -15.83
C ALA A 214 -24.69 16.76 -15.78
N LEU A 215 -24.79 16.20 -14.57
CA LEU A 215 -24.98 14.77 -14.42
C LEU A 215 -26.24 14.29 -15.12
N GLU A 216 -27.34 15.05 -14.98
CA GLU A 216 -28.61 14.71 -15.63
C GLU A 216 -28.46 14.64 -17.13
N ALA A 217 -27.56 15.43 -17.69
CA ALA A 217 -27.35 15.39 -19.13
C ALA A 217 -26.59 14.14 -19.55
N VAL A 218 -25.53 13.78 -18.82
CA VAL A 218 -24.63 12.74 -19.29
C VAL A 218 -24.83 11.40 -18.60
N PHE A 219 -25.75 11.32 -17.63
CA PHE A 219 -25.95 10.06 -16.94
C PHE A 219 -26.42 8.95 -17.87
N VAL A 220 -25.81 7.78 -17.73
CA VAL A 220 -26.24 6.55 -18.37
C VAL A 220 -26.39 5.49 -17.28
N PRO A 221 -27.54 4.84 -17.16
CA PRO A 221 -27.68 3.76 -16.16
C PRO A 221 -26.61 2.70 -16.36
N GLU A 222 -26.00 2.27 -15.26
CA GLU A 222 -24.90 1.32 -15.34
C GLU A 222 -25.41 -0.08 -15.64
N ASP A 223 -24.67 -0.79 -16.46
CA ASP A 223 -25.06 -2.08 -17.01
C ASP A 223 -24.15 -3.17 -16.47
N ILE A 224 -24.69 -4.02 -15.59
CA ILE A 224 -23.85 -5.05 -14.98
C ILE A 224 -23.28 -6.01 -16.01
N SER A 225 -23.95 -6.17 -17.15
CA SER A 225 -23.42 -7.08 -18.16
C SER A 225 -22.11 -6.54 -18.75
N ARG A 226 -22.04 -5.23 -18.97
CA ARG A 226 -20.83 -4.65 -19.55
C ARG A 226 -19.76 -4.43 -18.50
N LEU A 227 -20.16 -4.06 -17.29
CA LEU A 227 -19.19 -3.65 -16.28
C LEU A 227 -18.51 -4.83 -15.59
N ALA A 228 -19.17 -6.00 -15.55
CA ALA A 228 -18.56 -7.18 -14.94
C ALA A 228 -17.15 -7.44 -15.48
N ARG A 229 -16.95 -7.21 -16.78
CA ARG A 229 -15.66 -7.48 -17.42
C ARG A 229 -14.56 -6.53 -16.96
N LYS A 230 -14.92 -5.40 -16.35
CA LYS A 230 -13.96 -4.39 -15.89
C LYS A 230 -13.70 -4.47 -14.39
N LEU A 231 -14.44 -5.28 -13.67
CA LEU A 231 -14.30 -5.31 -12.23
C LEU A 231 -13.09 -6.17 -11.83
N PRO A 232 -12.48 -5.87 -10.69
CA PRO A 232 -11.25 -6.58 -10.31
C PRO A 232 -11.50 -8.02 -9.87
N GLN A 233 -10.53 -8.88 -10.18
CA GLN A 233 -10.59 -10.27 -9.75
C GLN A 233 -9.42 -10.55 -8.83
N SER A 234 -9.56 -11.62 -8.07
CA SER A 234 -8.50 -12.08 -7.20
C SER A 234 -7.29 -12.50 -8.02
N LEU A 235 -6.09 -12.26 -7.47
CA LEU A 235 -4.89 -12.85 -8.05
C LEU A 235 -5.05 -14.36 -8.21
N ASN A 236 -5.79 -15.00 -7.31
CA ASN A 236 -5.89 -16.46 -7.33
C ASN A 236 -6.65 -16.95 -8.55
N THR A 237 -7.70 -16.24 -8.97
CA THR A 237 -8.37 -16.69 -10.18
C THR A 237 -7.58 -16.30 -11.42
N ALA A 238 -6.86 -15.17 -11.42
CA ALA A 238 -6.01 -14.85 -12.56
C ALA A 238 -4.90 -15.89 -12.70
N TYR A 239 -4.39 -16.34 -11.56
CA TYR A 239 -3.36 -17.39 -11.56
C TYR A 239 -3.91 -18.69 -12.14
N ALA A 240 -5.09 -19.11 -11.67
CA ALA A 240 -5.64 -20.37 -12.13
C ALA A 240 -5.89 -20.31 -13.64
N ASP A 241 -6.39 -19.17 -14.11
CA ASP A 241 -6.74 -19.03 -15.51
C ASP A 241 -5.50 -18.97 -16.41
N LYS A 242 -4.47 -18.24 -15.98
CA LYS A 242 -3.27 -18.05 -16.81
C LYS A 242 -2.35 -19.26 -16.78
N PHE A 243 -2.12 -19.82 -15.59
CA PHE A 243 -1.11 -20.86 -15.47
C PHE A 243 -1.67 -22.28 -15.47
N ARG A 244 -2.97 -22.48 -15.24
CA ARG A 244 -3.62 -23.79 -15.22
C ARG A 244 -2.74 -24.83 -14.48
N PRO A 245 -2.49 -24.62 -13.18
CA PRO A 245 -1.51 -25.46 -12.49
C PRO A 245 -1.93 -26.93 -12.45
N ASP A 246 -0.92 -27.80 -12.47
CA ASP A 246 -1.12 -29.23 -12.25
C ASP A 246 -0.55 -29.62 -10.89
N GLU A 247 -0.47 -30.93 -10.63
CA GLU A 247 -0.12 -31.39 -9.28
C GLU A 247 1.31 -31.02 -8.90
N ALA A 248 2.25 -31.09 -9.84
CA ALA A 248 3.61 -30.68 -9.53
C ALA A 248 3.68 -29.20 -9.21
N ASP A 249 2.90 -28.39 -9.94
CA ASP A 249 2.81 -26.97 -9.62
C ASP A 249 2.30 -26.76 -8.21
N VAL A 250 1.25 -27.50 -7.82
CA VAL A 250 0.72 -27.37 -6.48
C VAL A 250 1.77 -27.80 -5.44
N GLU A 251 2.52 -28.87 -5.73
CA GLU A 251 3.58 -29.29 -4.83
C GLU A 251 4.63 -28.20 -4.63
N ALA A 252 4.99 -27.48 -5.69
CA ALA A 252 5.98 -26.43 -5.56
C ALA A 252 5.48 -25.30 -4.67
N GLY A 253 4.19 -24.97 -4.79
CA GLY A 253 3.63 -23.95 -3.91
C GLY A 253 3.59 -24.40 -2.46
N PHE A 254 3.32 -25.70 -2.23
CA PHE A 254 3.29 -26.20 -0.86
C PHE A 254 4.67 -26.13 -0.23
N ALA A 255 5.73 -26.29 -1.03
CA ALA A 255 7.07 -26.16 -0.47
C ALA A 255 7.38 -24.73 -0.05
N LYS A 256 6.92 -23.74 -0.82
CA LYS A 256 7.16 -22.37 -0.42
C LYS A 256 6.34 -22.01 0.83
N LEU A 257 5.19 -22.68 1.02
CA LEU A 257 4.44 -22.50 2.26
C LEU A 257 5.19 -23.09 3.45
N GLY A 258 5.73 -24.30 3.32
CA GLY A 258 6.51 -24.85 4.43
C GLY A 258 7.65 -23.94 4.83
N GLU A 259 8.30 -23.32 3.85
CA GLU A 259 9.39 -22.39 4.09
C GLU A 259 8.94 -21.23 4.96
N ARG A 260 7.82 -20.61 4.58
CA ARG A 260 7.34 -19.46 5.34
C ARG A 260 7.01 -19.85 6.79
N ILE A 261 6.38 -21.02 6.98
CA ILE A 261 6.04 -21.47 8.31
C ILE A 261 7.30 -21.71 9.14
N LEU A 262 8.29 -22.39 8.58
CA LEU A 262 9.50 -22.66 9.35
C LEU A 262 10.25 -21.37 9.65
N ASN A 263 10.36 -20.46 8.66
CA ASN A 263 11.11 -19.23 8.90
C ASN A 263 10.50 -18.41 10.02
N SER A 264 9.18 -18.48 10.18
CA SER A 264 8.51 -17.73 11.22
C SER A 264 8.76 -18.29 12.62
N THR A 265 9.37 -19.48 12.74
CA THR A 265 9.72 -20.04 14.04
C THR A 265 11.22 -20.03 14.33
N GLN A 266 12.08 -19.86 13.33
CA GLN A 266 13.51 -19.86 13.57
C GLN A 266 13.95 -18.66 14.42
N PRO A 267 15.06 -18.79 15.16
CA PRO A 267 15.56 -17.65 15.94
C PRO A 267 15.85 -16.44 15.05
N THR A 268 15.34 -15.28 15.47
CA THR A 268 15.45 -14.08 14.66
C THR A 268 15.72 -12.87 15.54
N LEU A 269 16.50 -11.94 14.99
CA LEU A 269 16.57 -10.61 15.55
C LEU A 269 15.31 -9.84 15.15
N GLY A 270 15.11 -8.70 15.81
CA GLY A 270 14.02 -7.83 15.41
C GLY A 270 13.92 -6.66 16.35
N ILE A 271 12.81 -5.94 16.24
CA ILE A 271 12.53 -4.77 17.07
C ILE A 271 11.57 -5.19 18.17
N PRO A 272 11.90 -5.03 19.43
CA PRO A 272 11.00 -5.48 20.49
C PRO A 272 9.83 -4.50 20.66
N ARG A 273 8.64 -5.04 20.81
CA ARG A 273 7.49 -4.21 21.15
C ARG A 273 7.44 -4.05 22.67
N PHE A 274 6.68 -3.05 23.11
CA PHE A 274 6.35 -2.94 24.52
C PHE A 274 5.64 -4.20 25.00
N SER A 275 5.99 -4.65 26.21
CA SER A 275 5.30 -5.81 26.79
C SER A 275 3.81 -5.55 26.98
N THR A 276 3.43 -4.32 27.29
CA THR A 276 2.03 -3.94 27.35
C THR A 276 1.88 -2.57 26.68
N PRO A 277 0.74 -2.30 26.04
CA PRO A 277 0.62 -1.05 25.26
C PRO A 277 0.75 0.19 26.14
N SER A 278 1.29 1.24 25.54
CA SER A 278 1.48 2.48 26.29
C SER A 278 0.13 3.19 26.44
N GLN A 279 -0.12 3.69 27.64
CA GLN A 279 -1.36 4.43 27.92
C GLN A 279 -1.17 5.94 27.79
N ASN A 280 0.04 6.40 27.54
CA ASN A 280 0.34 7.82 27.39
C ASN A 280 1.40 7.90 26.28
N PRO A 281 0.99 7.67 25.04
CA PRO A 281 1.97 7.62 23.96
C PRO A 281 2.66 8.96 23.81
N GLN A 282 3.99 8.94 23.77
CA GLN A 282 4.68 10.21 23.83
C GLN A 282 5.00 10.77 22.45
N TYR A 283 4.84 9.98 21.39
CA TYR A 283 5.00 10.47 20.03
C TYR A 283 3.65 10.37 19.34
N THR A 284 3.10 11.51 18.92
CA THR A 284 1.78 11.57 18.32
C THR A 284 1.81 12.55 17.15
N LEU A 285 0.76 12.52 16.35
CA LEU A 285 0.56 13.51 15.29
C LEU A 285 -0.50 14.53 15.68
N GLY A 286 -0.68 14.74 16.97
CA GLY A 286 -1.75 15.56 17.47
C GLY A 286 -2.87 14.73 18.05
N SER A 287 -4.02 15.38 18.21
CA SER A 287 -5.19 14.76 18.80
C SER A 287 -6.43 15.13 18.01
N ALA A 288 -7.29 14.14 17.80
CA ALA A 288 -8.59 14.34 17.16
C ALA A 288 -9.55 13.35 17.81
N ASN A 289 -10.81 13.76 17.95
CA ASN A 289 -11.81 13.07 18.75
C ASN A 289 -11.48 13.09 20.24
N GLY A 290 -10.58 14.00 20.66
CA GLY A 290 -10.04 14.00 22.00
C GLY A 290 -8.93 12.99 22.25
N GLN A 291 -8.64 12.10 21.28
CA GLN A 291 -7.74 10.97 21.37
C GLN A 291 -6.45 11.24 20.60
N PRO A 292 -5.29 10.80 21.09
CA PRO A 292 -4.05 11.03 20.35
C PRO A 292 -4.01 10.25 19.05
N LEU A 293 -3.37 10.86 18.04
CA LEU A 293 -3.08 10.20 16.77
C LEU A 293 -1.73 9.50 16.91
N THR A 294 -1.76 8.17 17.10
CA THR A 294 -0.55 7.42 17.37
C THR A 294 -0.09 6.54 16.20
N MET A 295 -0.78 6.55 15.07
CA MET A 295 -0.32 5.76 13.94
C MET A 295 0.64 6.66 13.18
N LEU A 296 1.92 6.31 13.22
CA LEU A 296 2.98 7.15 12.70
C LEU A 296 3.52 6.59 11.40
N ASN A 297 3.89 7.50 10.49
CA ASN A 297 4.64 7.21 9.28
C ASN A 297 5.89 8.09 9.35
N LEU A 298 6.99 7.52 9.82
CA LEU A 298 8.25 8.24 9.86
C LEU A 298 8.95 8.10 8.52
N ARG A 299 9.30 9.24 7.89
CA ARG A 299 9.72 9.26 6.50
C ARG A 299 11.11 9.86 6.33
N ARG A 300 11.84 9.34 5.33
CA ARG A 300 13.08 9.91 4.85
C ARG A 300 12.95 10.01 3.35
N GLN A 301 13.06 11.21 2.79
CA GLN A 301 12.98 11.39 1.35
C GLN A 301 14.36 11.69 0.78
N ILE A 302 14.61 11.11 -0.38
CA ILE A 302 15.85 11.28 -1.14
C ILE A 302 15.46 11.84 -2.51
N GLY A 303 16.06 12.97 -2.88
CA GLY A 303 15.70 13.67 -4.09
C GLY A 303 16.11 12.91 -5.34
N VAL A 304 15.66 13.45 -6.48
CA VAL A 304 15.80 12.73 -7.75
C VAL A 304 17.28 12.48 -8.07
N THR A 305 18.12 13.50 -7.91
CA THR A 305 19.53 13.37 -8.28
C THR A 305 20.25 12.38 -7.36
N GLU A 306 20.05 12.53 -6.05
CA GLU A 306 20.68 11.59 -5.11
C GLU A 306 20.16 10.18 -5.30
N HIS A 307 18.86 10.04 -5.59
CA HIS A 307 18.30 8.72 -5.84
C HIS A 307 19.00 8.02 -7.00
N ARG A 308 19.24 8.76 -8.09
CA ARG A 308 19.94 8.18 -9.23
C ARG A 308 21.34 7.73 -8.83
N MET A 309 22.04 8.55 -8.03
CA MET A 309 23.39 8.19 -7.61
C MET A 309 23.38 6.91 -6.77
N LEU A 310 22.45 6.82 -5.81
CA LEU A 310 22.35 5.63 -4.98
C LEU A 310 22.08 4.41 -5.85
N HIS A 311 21.13 4.54 -6.77
CA HIS A 311 20.75 3.44 -7.65
C HIS A 311 21.96 2.94 -8.44
N ARG A 312 22.72 3.86 -9.03
CA ARG A 312 23.86 3.45 -9.87
C ARG A 312 25.00 2.91 -9.01
N ALA A 313 25.19 3.49 -7.82
CA ALA A 313 26.32 3.08 -6.99
C ALA A 313 26.17 1.64 -6.54
N PHE A 314 24.94 1.24 -6.23
CA PHE A 314 24.77 -0.11 -5.75
C PHE A 314 24.79 -1.11 -6.89
N LYS A 315 24.33 -0.70 -8.07
CA LYS A 315 24.50 -1.56 -9.24
C LYS A 315 25.98 -1.80 -9.53
N LYS A 316 26.81 -0.78 -9.33
CA LYS A 316 28.24 -0.95 -9.60
C LYS A 316 28.83 -2.04 -8.71
N ARG A 317 28.29 -2.21 -7.51
CA ARG A 317 28.71 -3.24 -6.58
C ARG A 317 28.08 -4.60 -6.85
N GLY A 318 27.34 -4.77 -7.94
CA GLY A 318 26.61 -6.01 -8.14
C GLY A 318 25.43 -6.16 -7.22
N SER A 319 24.91 -5.06 -6.69
CA SER A 319 23.83 -5.14 -5.72
C SER A 319 22.62 -4.39 -6.29
N SER A 320 21.72 -3.97 -5.42
CA SER A 320 20.56 -3.21 -5.84
C SER A 320 20.15 -2.31 -4.69
N LEU A 321 19.47 -1.21 -5.03
CA LEU A 321 19.01 -0.32 -3.98
C LEU A 321 18.02 -1.02 -3.04
N PRO A 322 17.04 -1.79 -3.51
CA PRO A 322 16.16 -2.45 -2.54
C PRO A 322 16.85 -3.49 -1.68
N SER A 323 17.78 -4.30 -2.22
CA SER A 323 18.36 -5.33 -1.36
C SER A 323 19.39 -4.73 -0.41
N PHE A 324 20.15 -3.73 -0.87
CA PHE A 324 21.08 -3.08 0.04
C PHE A 324 20.34 -2.34 1.14
N THR A 325 19.22 -1.70 0.79
CA THR A 325 18.40 -1.08 1.84
C THR A 325 17.94 -2.12 2.85
N TYR A 326 17.52 -3.31 2.39
CA TYR A 326 17.12 -4.36 3.33
C TYR A 326 18.28 -4.76 4.22
N ALA A 327 19.47 -4.92 3.63
CA ALA A 327 20.61 -5.28 4.45
C ALA A 327 20.88 -4.23 5.52
N CYS A 328 20.76 -2.96 5.17
CA CYS A 328 21.00 -1.91 6.16
C CYS A 328 19.93 -1.92 7.24
N ILE A 329 18.67 -2.18 6.88
CA ILE A 329 17.61 -2.27 7.88
C ILE A 329 17.89 -3.43 8.84
N VAL A 330 18.20 -4.61 8.29
CA VAL A 330 18.52 -5.77 9.13
C VAL A 330 19.68 -5.46 10.07
N ASN A 331 20.76 -4.89 9.54
CA ASN A 331 21.94 -4.64 10.36
C ASN A 331 21.68 -3.56 11.41
N SER A 332 20.99 -2.49 11.04
N SER A 332 20.97 -2.50 11.05
CA SER A 332 20.67 -1.44 12.00
CA SER A 332 20.70 -1.43 12.00
C SER A 332 19.81 -1.98 13.13
C SER A 332 19.74 -1.88 13.11
N ILE A 333 18.79 -2.75 12.79
CA ILE A 333 17.95 -3.34 13.84
C ILE A 333 18.82 -4.19 14.77
N ASP A 334 19.69 -5.01 14.19
CA ASP A 334 20.61 -5.81 14.97
C ASP A 334 21.43 -4.95 15.94
N ARG A 335 22.07 -3.90 15.42
CA ARG A 335 22.94 -3.05 16.23
C ARG A 335 22.15 -2.24 17.26
N ARG A 336 21.00 -1.70 16.88
CA ARG A 336 20.33 -0.73 17.74
C ARG A 336 19.49 -1.42 18.81
N CYS A 337 18.88 -2.53 18.47
CA CYS A 337 17.99 -3.19 19.41
C CYS A 337 18.65 -4.33 20.15
N LYS A 338 19.57 -5.07 19.49
CA LYS A 338 20.24 -6.21 20.11
C LYS A 338 19.24 -7.15 20.74
N ALA A 339 18.11 -7.33 20.05
CA ALA A 339 16.99 -8.11 20.55
C ALA A 339 16.80 -9.30 19.63
N SER A 340 16.61 -10.47 20.24
CA SER A 340 16.40 -11.68 19.45
C SER A 340 15.49 -12.65 20.20
N THR A 341 14.93 -13.60 19.45
CA THR A 341 14.12 -14.63 20.07
C THR A 341 14.96 -15.74 20.68
N SER A 342 16.26 -15.80 20.37
CA SER A 342 17.12 -16.89 20.84
C SER A 342 17.75 -16.55 22.19
N GLU A 343 18.58 -17.47 22.69
CA GLU A 343 19.30 -17.25 23.93
C GLU A 343 20.51 -16.36 23.71
N ALA A 344 21.06 -15.85 24.82
CA ALA A 344 22.23 -14.99 24.71
C ALA A 344 23.44 -15.73 24.16
N ASP A 345 23.55 -17.04 24.44
CA ASP A 345 24.68 -17.82 23.99
C ASP A 345 24.62 -18.18 22.51
N GLU A 346 23.59 -17.73 21.80
CA GLU A 346 23.34 -18.16 20.43
C GLU A 346 23.00 -16.95 19.58
N ALA A 347 23.84 -16.66 18.60
CA ALA A 347 23.53 -15.62 17.64
C ALA A 347 22.28 -16.03 16.87
N PRO A 348 21.34 -15.12 16.66
CA PRO A 348 20.15 -15.41 15.87
C PRO A 348 20.41 -15.21 14.38
N GLY A 349 19.45 -15.66 13.58
CA GLY A 349 19.36 -15.29 12.19
C GLY A 349 18.39 -14.12 12.01
N ALA A 350 17.92 -13.96 10.77
CA ALA A 350 16.93 -12.92 10.47
C ALA A 350 15.80 -13.51 9.63
N ASN A 351 14.58 -13.49 10.18
CA ASN A 351 13.39 -13.87 9.43
C ASN A 351 12.98 -12.68 8.58
N LEU A 352 13.04 -12.82 7.24
CA LEU A 352 12.66 -11.75 6.33
C LEU A 352 11.18 -11.82 6.02
N VAL A 353 10.46 -10.74 6.31
CA VAL A 353 9.04 -10.63 6.02
C VAL A 353 8.89 -9.51 5.00
N TYR A 354 8.44 -9.85 3.80
CA TYR A 354 8.38 -8.86 2.74
C TYR A 354 7.28 -9.25 1.77
N SER A 355 6.87 -8.30 0.95
CA SER A 355 5.86 -8.61 -0.05
C SER A 355 6.49 -8.59 -1.44
N ALA A 356 5.88 -9.35 -2.34
CA ALA A 356 6.29 -9.36 -3.73
C ALA A 356 5.06 -9.07 -4.58
N HIS A 357 5.30 -8.47 -5.74
CA HIS A 357 4.23 -8.09 -6.65
C HIS A 357 4.16 -9.11 -7.78
N ALA A 358 2.94 -9.55 -8.13
CA ALA A 358 2.79 -10.64 -9.09
C ALA A 358 3.21 -10.26 -10.51
N SER A 359 3.50 -8.99 -10.77
CA SER A 359 4.01 -8.59 -12.08
C SER A 359 5.33 -9.26 -12.40
N ARG A 360 6.00 -9.83 -11.41
CA ARG A 360 7.21 -10.55 -11.71
C ARG A 360 6.95 -11.85 -12.48
N TRP A 361 5.72 -12.36 -12.46
CA TRP A 361 5.40 -13.55 -13.23
C TRP A 361 4.32 -13.34 -14.28
N PHE A 362 3.46 -12.39 -14.11
CA PHE A 362 2.32 -12.14 -14.97
C PHE A 362 2.60 -11.02 -15.96
N PRO A 363 2.05 -11.09 -17.16
CA PRO A 363 2.23 -9.99 -18.12
C PRO A 363 1.49 -8.74 -17.69
N ALA A 364 1.88 -7.61 -18.30
CA ALA A 364 1.29 -6.33 -17.93
C ALA A 364 -0.23 -6.32 -18.15
N GLU A 365 -0.72 -7.09 -19.12
CA GLU A 365 -2.15 -7.11 -19.42
C GLU A 365 -2.98 -7.62 -18.24
N THR A 366 -2.37 -8.28 -17.27
CA THR A 366 -3.09 -8.77 -16.09
C THR A 366 -3.56 -7.61 -15.22
N PHE A 367 -2.98 -6.42 -15.41
CA PHE A 367 -3.15 -5.29 -14.52
C PHE A 367 -3.67 -4.06 -15.26
N MET A 368 -4.58 -4.28 -16.22
CA MET A 368 -5.02 -3.21 -17.13
C MET A 368 -6.52 -3.00 -16.92
N SER A 369 -7.34 -3.22 -17.94
N SER A 369 -7.35 -3.21 -17.95
CA SER A 369 -8.77 -2.91 -17.90
CA SER A 369 -8.78 -2.91 -17.86
C SER A 369 -9.68 -4.14 -17.82
C SER A 369 -9.67 -4.14 -17.81
N ARG A 370 -9.25 -5.27 -18.39
CA ARG A 370 -10.08 -6.46 -18.43
C ARG A 370 -9.81 -7.33 -17.21
N SER A 371 -10.82 -7.50 -16.35
CA SER A 371 -10.75 -8.29 -15.12
C SER A 371 -9.39 -8.08 -14.44
N PRO A 372 -9.01 -6.84 -14.12
CA PRO A 372 -7.66 -6.58 -13.59
C PRO A 372 -7.47 -7.17 -12.21
N VAL A 373 -6.23 -7.56 -11.93
CA VAL A 373 -5.83 -7.86 -10.57
C VAL A 373 -5.36 -6.55 -9.95
N ASN A 374 -6.15 -6.03 -9.02
CA ASN A 374 -5.83 -4.73 -8.45
C ASN A 374 -5.17 -4.83 -7.08
N MET A 375 -5.05 -6.03 -6.51
CA MET A 375 -4.24 -6.20 -5.32
C MET A 375 -3.36 -7.40 -5.67
N ALA A 376 -2.08 -7.18 -5.98
CA ALA A 376 -1.27 -8.24 -6.56
C ALA A 376 -0.14 -8.68 -5.64
N ILE A 377 -0.30 -8.47 -4.33
CA ILE A 377 0.74 -8.80 -3.36
C ILE A 377 0.70 -10.28 -3.02
N VAL A 378 1.88 -10.90 -3.02
CA VAL A 378 2.09 -12.24 -2.53
C VAL A 378 3.04 -12.13 -1.34
N PRO A 379 2.78 -12.80 -0.22
CA PRO A 379 3.73 -12.77 0.90
C PRO A 379 5.03 -13.48 0.52
N GLY A 380 6.15 -12.85 0.88
CA GLY A 380 7.46 -13.41 0.63
C GLY A 380 8.12 -13.80 1.92
N SER A 381 9.04 -14.78 1.86
CA SER A 381 9.71 -15.22 3.07
C SER A 381 11.17 -15.53 2.75
N GLY A 382 11.97 -15.55 3.80
CA GLY A 382 13.38 -15.85 3.66
C GLY A 382 13.98 -15.88 5.04
N TYR A 383 15.14 -16.53 5.13
CA TYR A 383 15.81 -16.59 6.42
C TYR A 383 17.31 -16.43 6.21
N VAL A 384 17.88 -15.40 6.82
CA VAL A 384 19.33 -15.19 6.82
C VAL A 384 19.92 -15.95 8.00
N ALA A 385 20.87 -16.85 7.72
CA ALA A 385 21.47 -17.63 8.80
C ALA A 385 22.36 -16.74 9.68
N PRO A 386 22.55 -17.14 10.94
CA PRO A 386 23.42 -16.35 11.83
C PRO A 386 24.77 -16.01 11.23
N GLU A 387 25.41 -16.96 10.55
CA GLU A 387 26.74 -16.72 10.00
C GLU A 387 26.71 -15.77 8.81
N GLU A 388 25.52 -15.53 8.23
CA GLU A 388 25.39 -14.64 7.10
C GLU A 388 25.12 -13.21 7.52
N LEU A 389 24.64 -13.01 8.74
CA LEU A 389 24.31 -11.64 9.12
C LEU A 389 25.27 -11.06 10.13
N ARG A 390 26.18 -11.86 10.68
CA ARG A 390 27.24 -11.37 11.56
C ARG A 390 28.59 -11.73 10.95
N SER A 391 29.58 -10.89 11.24
CA SER A 391 30.93 -11.08 10.72
C SER A 391 31.80 -11.70 11.80
N LYS A 392 32.64 -12.67 11.42
CA LYS A 392 33.61 -13.16 12.39
C LYS A 392 34.58 -12.07 12.81
N GLN A 393 34.93 -11.18 11.89
CA GLN A 393 35.87 -10.10 12.20
C GLN A 393 35.21 -9.03 13.06
N ARG A 394 33.99 -8.61 12.69
CA ARG A 394 33.38 -7.46 13.33
C ARG A 394 32.05 -7.67 14.06
N GLY A 395 31.52 -8.89 14.10
CA GLY A 395 30.27 -9.12 14.81
C GLY A 395 29.11 -8.42 14.14
N ARG A 396 28.39 -7.58 14.89
CA ARG A 396 27.31 -6.80 14.28
C ARG A 396 27.82 -5.60 13.50
N ASP A 397 29.07 -5.19 13.69
CA ASP A 397 29.55 -3.95 13.08
C ASP A 397 30.08 -4.17 11.66
N LEU A 398 29.18 -4.66 10.81
CA LEU A 398 29.54 -5.00 9.43
C LEU A 398 30.14 -3.79 8.71
N ASN A 399 31.22 -4.02 7.96
CA ASN A 399 31.78 -2.97 7.12
C ASN A 399 31.03 -2.97 5.79
N GLU A 400 31.42 -2.09 4.87
CA GLU A 400 30.66 -1.93 3.63
C GLU A 400 30.69 -3.20 2.78
N SER A 401 31.85 -3.85 2.69
N SER A 401 31.85 -3.86 2.71
CA SER A 401 31.93 -5.11 1.95
CA SER A 401 31.95 -5.10 1.96
C SER A 401 30.96 -6.13 2.53
C SER A 401 30.99 -6.16 2.53
N GLU A 402 30.89 -6.23 3.86
CA GLU A 402 30.03 -7.21 4.48
C GLU A 402 28.56 -6.86 4.30
N LEU A 403 28.22 -5.57 4.23
CA LEU A 403 26.83 -5.19 4.00
C LEU A 403 26.43 -5.53 2.57
N PHE A 404 27.34 -5.34 1.61
CA PHE A 404 27.04 -5.75 0.25
C PHE A 404 26.87 -7.26 0.17
N ALA A 405 27.68 -8.01 0.94
CA ALA A 405 27.52 -9.46 0.95
C ALA A 405 26.17 -9.86 1.53
N LEU A 406 25.74 -9.18 2.60
CA LEU A 406 24.41 -9.42 3.18
C LEU A 406 23.31 -9.06 2.19
N ALA A 407 23.47 -7.95 1.47
CA ALA A 407 22.49 -7.57 0.46
C ALA A 407 22.36 -8.65 -0.60
N LYS A 408 23.48 -9.18 -1.07
CA LYS A 408 23.45 -10.22 -2.09
C LYS A 408 22.79 -11.49 -1.56
N THR A 409 23.05 -11.82 -0.29
CA THR A 409 22.40 -12.97 0.34
C THR A 409 20.89 -12.77 0.39
N ILE A 410 20.45 -11.61 0.88
CA ILE A 410 19.02 -11.35 0.94
C ILE A 410 18.40 -11.44 -0.45
N ARG A 411 19.05 -10.81 -1.44
CA ARG A 411 18.47 -10.78 -2.78
C ARG A 411 18.37 -12.19 -3.37
N ALA A 412 19.40 -13.01 -3.15
CA ALA A 412 19.36 -14.39 -3.64
C ALA A 412 18.26 -15.19 -2.95
N LYS A 413 18.08 -15.01 -1.64
CA LYS A 413 17.01 -15.74 -0.96
C LYS A 413 15.63 -15.29 -1.44
N GLN A 414 15.43 -13.99 -1.68
CA GLN A 414 14.16 -13.58 -2.25
C GLN A 414 13.97 -14.14 -3.65
N GLU A 415 15.04 -14.14 -4.45
CA GLU A 415 14.89 -14.63 -5.82
C GLU A 415 14.56 -16.12 -5.85
N GLN A 416 15.11 -16.91 -4.92
CA GLN A 416 14.73 -18.33 -4.90
C GLN A 416 13.34 -18.54 -4.33
N TYR A 417 12.93 -17.74 -3.33
CA TYR A 417 11.57 -17.92 -2.83
C TYR A 417 10.55 -17.58 -3.91
N LEU A 418 10.85 -16.59 -4.75
CA LEU A 418 9.90 -16.06 -5.72
C LEU A 418 10.15 -16.54 -7.14
N GLU A 419 10.90 -17.63 -7.31
CA GLU A 419 11.25 -18.00 -8.68
C GLU A 419 10.04 -18.42 -9.49
N SER A 420 8.99 -18.90 -8.84
CA SER A 420 7.84 -19.42 -9.54
C SER A 420 6.55 -18.85 -8.98
N PRO A 421 5.54 -18.61 -9.84
CA PRO A 421 4.24 -18.11 -9.35
C PRO A 421 3.45 -19.12 -8.53
N HIS A 422 3.91 -20.37 -8.48
CA HIS A 422 3.07 -21.41 -7.88
C HIS A 422 2.95 -21.27 -6.37
N ILE A 423 3.65 -20.32 -5.74
CA ILE A 423 3.34 -19.79 -4.41
C ILE A 423 1.85 -19.59 -4.26
N ILE A 424 1.22 -19.08 -5.32
CA ILE A 424 -0.19 -18.71 -5.25
C ILE A 424 -1.09 -19.92 -5.04
N SER A 425 -0.60 -21.13 -5.34
CA SER A 425 -1.39 -22.35 -5.11
C SER A 425 -1.80 -22.54 -3.65
N TYR A 426 -1.15 -21.88 -2.70
N TYR A 426 -1.14 -21.90 -2.69
CA TYR A 426 -1.56 -22.05 -1.31
CA TYR A 426 -1.55 -22.06 -1.30
C TYR A 426 -2.06 -20.79 -0.62
C TYR A 426 -2.13 -20.81 -0.65
N THR A 427 -2.10 -19.64 -1.31
CA THR A 427 -2.53 -18.44 -0.62
C THR A 427 -4.03 -18.44 -0.33
N ALA A 428 -4.82 -19.18 -1.09
CA ALA A 428 -6.23 -19.30 -0.73
C ALA A 428 -6.39 -20.10 0.55
N GLN A 429 -5.63 -21.18 0.70
CA GLN A 429 -5.78 -21.94 1.93
C GLN A 429 -5.25 -21.15 3.13
N VAL A 430 -4.12 -20.46 2.94
CA VAL A 430 -3.56 -19.68 4.04
C VAL A 430 -4.48 -18.51 4.37
N GLY A 431 -5.08 -17.88 3.35
CA GLY A 431 -6.01 -16.79 3.60
C GLY A 431 -7.23 -17.23 4.38
N ASP A 432 -7.77 -18.41 4.05
CA ASP A 432 -8.89 -18.97 4.80
C ASP A 432 -8.50 -19.21 6.26
N ASP A 433 -7.29 -19.73 6.49
CA ASP A 433 -6.87 -20.09 7.83
C ASP A 433 -6.68 -18.85 8.69
N ILE A 434 -5.98 -17.86 8.14
CA ILE A 434 -5.74 -16.63 8.90
C ILE A 434 -7.06 -15.93 9.18
N ALA A 435 -7.95 -15.90 8.19
CA ALA A 435 -9.23 -15.21 8.38
C ALA A 435 -10.04 -15.87 9.48
N ALA A 436 -10.17 -17.20 9.42
CA ALA A 436 -10.97 -17.91 10.41
C ALA A 436 -10.37 -17.76 11.80
N ALA A 437 -9.05 -17.81 11.91
CA ALA A 437 -8.43 -17.68 13.23
C ALA A 437 -8.60 -16.27 13.77
N MET A 438 -8.55 -15.28 12.88
CA MET A 438 -8.74 -13.91 13.33
C MET A 438 -10.15 -13.69 13.86
N ALA A 439 -11.16 -14.21 13.18
CA ALA A 439 -12.53 -14.03 13.65
C ALA A 439 -12.74 -14.76 14.97
N GLU A 440 -12.16 -15.95 15.12
CA GLU A 440 -12.34 -16.70 16.36
C GLU A 440 -11.61 -16.00 17.50
N THR A 441 -10.42 -15.46 17.23
CA THR A 441 -9.68 -14.74 18.26
C THR A 441 -10.41 -13.47 18.66
N ALA A 442 -10.92 -12.72 17.68
CA ALA A 442 -11.63 -11.49 17.99
C ALA A 442 -12.88 -11.75 18.82
N ASN A 443 -13.65 -12.78 18.45
CA ASN A 443 -14.82 -13.14 19.26
C ASN A 443 -14.43 -13.51 20.68
N LYS A 444 -13.32 -14.24 20.84
CA LYS A 444 -12.88 -14.61 22.19
C LYS A 444 -12.45 -13.37 22.99
N GLN A 445 -11.72 -12.45 22.35
CA GLN A 445 -11.25 -11.24 23.03
C GLN A 445 -12.41 -10.35 23.43
N ARG A 446 -13.42 -10.26 22.56
CA ARG A 446 -14.61 -9.49 22.89
C ARG A 446 -15.31 -10.07 24.11
N GLN A 447 -15.59 -11.38 24.06
CA GLN A 447 -16.23 -12.05 25.19
C GLN A 447 -15.45 -11.84 26.48
N ALA A 448 -14.12 -11.77 26.40
CA ALA A 448 -13.30 -11.59 27.58
C ALA A 448 -13.16 -10.12 27.99
N GLY A 449 -13.73 -9.18 27.23
CA GLY A 449 -13.61 -7.77 27.57
C GLY A 449 -12.21 -7.22 27.45
N THR A 450 -11.39 -7.77 26.55
CA THR A 450 -10.00 -7.37 26.45
C THR A 450 -9.91 -5.93 25.94
N ASP A 451 -9.01 -5.16 26.52
CA ASP A 451 -8.74 -3.81 26.04
C ASP A 451 -8.38 -3.86 24.56
N PRO A 452 -8.90 -2.93 23.75
CA PRO A 452 -8.69 -3.04 22.29
C PRO A 452 -7.23 -3.01 21.88
N TYR A 453 -6.39 -2.24 22.55
CA TYR A 453 -4.98 -2.19 22.16
C TYR A 453 -4.20 -3.39 22.68
N VAL A 454 -4.56 -3.89 23.85
CA VAL A 454 -4.05 -5.18 24.29
C VAL A 454 -4.43 -6.28 23.30
N ALA A 455 -5.65 -6.21 22.75
CA ALA A 455 -6.13 -7.22 21.81
C ALA A 455 -5.35 -7.19 20.49
N LEU A 456 -4.95 -5.99 20.05
CA LEU A 456 -4.17 -5.83 18.83
C LEU A 456 -2.70 -6.19 19.01
N SER A 457 -2.25 -6.32 20.26
N SER A 457 -2.23 -6.34 20.25
CA SER A 457 -0.85 -6.49 20.64
CA SER A 457 -0.82 -6.57 20.50
C SER A 457 -0.52 -7.89 21.16
C SER A 457 -0.51 -7.93 21.13
N GLU A 458 -1.43 -8.50 21.92
CA GLU A 458 -1.09 -9.71 22.66
C GLU A 458 -0.79 -10.91 21.75
N ASN A 459 -1.32 -10.94 20.54
CA ASN A 459 -1.03 -12.02 19.62
C ASN A 459 0.18 -11.74 18.74
N SER A 460 0.74 -10.54 18.84
CA SER A 460 1.89 -10.16 18.05
C SER A 460 3.15 -10.70 18.70
N PRO A 461 4.15 -11.11 17.91
CA PRO A 461 5.41 -11.56 18.49
C PRO A 461 6.05 -10.45 19.32
N ALA A 462 6.72 -10.87 20.41
CA ALA A 462 7.41 -9.90 21.26
C ALA A 462 8.52 -9.21 20.49
N ILE A 463 9.05 -9.88 19.48
CA ILE A 463 10.11 -9.40 18.61
C ILE A 463 9.55 -9.31 17.21
N CYS A 464 9.51 -8.10 16.66
CA CYS A 464 9.04 -7.94 15.28
C CYS A 464 10.20 -8.16 14.32
N PRO A 465 10.14 -9.14 13.43
CA PRO A 465 11.26 -9.38 12.52
C PRO A 465 11.41 -8.27 11.50
N PRO A 466 12.55 -8.19 10.81
CA PRO A 466 12.78 -7.12 9.82
C PRO A 466 11.83 -7.24 8.63
N THR A 467 10.97 -6.23 8.48
CA THR A 467 9.84 -6.29 7.55
C THR A 467 9.98 -5.12 6.58
N LEU A 468 10.29 -5.42 5.31
CA LEU A 468 10.51 -4.37 4.30
C LEU A 468 9.80 -4.75 3.02
N THR A 469 8.87 -3.91 2.59
CA THR A 469 8.25 -4.04 1.27
C THR A 469 8.79 -2.95 0.35
N SER A 470 9.32 -3.36 -0.80
CA SER A 470 9.98 -2.47 -1.74
C SER A 470 9.20 -2.40 -3.04
N GLN A 471 9.05 -1.20 -3.57
CA GLN A 471 8.20 -0.89 -4.71
C GLN A 471 9.04 -0.13 -5.72
N GLY A 472 9.15 -0.64 -6.94
CA GLY A 472 9.81 0.13 -7.97
C GLY A 472 8.96 1.31 -8.41
N GLU A 473 9.62 2.35 -8.94
CA GLU A 473 8.92 3.49 -9.50
C GLU A 473 7.80 3.02 -10.43
N VAL A 474 6.58 3.46 -10.15
CA VAL A 474 5.43 3.21 -11.00
C VAL A 474 5.35 4.35 -12.02
N PRO A 475 5.48 4.08 -13.31
CA PRO A 475 5.47 5.18 -14.29
C PRO A 475 4.08 5.77 -14.47
N ILE A 476 3.78 6.76 -13.64
CA ILE A 476 2.52 7.49 -13.70
C ILE A 476 2.80 8.81 -14.40
N LYS A 477 1.96 9.17 -15.39
CA LYS A 477 2.11 10.46 -16.05
C LYS A 477 2.08 11.57 -14.98
N ASN A 478 2.84 12.64 -15.23
N ASN A 478 2.86 12.62 -15.23
CA ASN A 478 2.98 13.69 -14.25
CA ASN A 478 3.05 13.71 -14.29
C ASN A 478 2.37 15.01 -14.69
C ASN A 478 2.30 14.98 -14.68
N LEU A 479 2.05 15.19 -15.97
CA LEU A 479 1.46 16.42 -16.47
C LEU A 479 0.09 16.13 -17.07
N TYR A 480 -0.90 16.96 -16.71
CA TYR A 480 -2.26 16.80 -17.21
C TYR A 480 -2.71 18.12 -17.81
N THR A 481 -3.15 18.09 -19.08
CA THR A 481 -3.64 19.29 -19.76
C THR A 481 -4.94 18.95 -20.49
N PRO A 482 -5.65 19.93 -21.07
CA PRO A 482 -6.85 19.59 -21.84
C PRO A 482 -6.59 18.65 -23.00
N GLU A 483 -5.35 18.57 -23.48
CA GLU A 483 -5.01 17.61 -24.52
C GLU A 483 -4.74 16.22 -23.98
N GLY A 484 -4.69 16.03 -22.66
CA GLY A 484 -4.49 14.71 -22.10
C GLY A 484 -3.32 14.71 -21.12
N ALA A 485 -2.89 13.50 -20.79
CA ALA A 485 -1.86 13.25 -19.81
C ALA A 485 -0.53 12.93 -20.50
N SER A 486 0.57 13.36 -19.87
CA SER A 486 1.86 13.24 -20.52
C SER A 486 2.96 13.11 -19.47
N PHE A 487 4.15 12.73 -19.91
CA PHE A 487 5.36 12.75 -19.08
C PHE A 487 6.16 13.99 -19.47
N ASP A 488 6.35 14.92 -18.54
CA ASP A 488 7.03 16.16 -18.88
C ASP A 488 7.64 16.76 -17.63
N PRO A 489 8.61 17.65 -17.78
CA PRO A 489 9.14 18.38 -16.62
C PRO A 489 8.11 19.38 -16.09
N LYS A 490 8.26 19.72 -14.82
CA LYS A 490 7.41 20.71 -14.17
C LYS A 490 7.29 21.96 -15.04
N PRO A 491 6.08 22.43 -15.31
CA PRO A 491 5.91 23.57 -16.21
C PRO A 491 6.71 24.79 -15.77
N LYS A 492 7.47 25.32 -16.71
CA LYS A 492 8.15 26.61 -16.60
C LYS A 492 7.34 27.70 -17.27
N GLN A 493 6.36 27.31 -18.10
CA GLN A 493 5.67 28.18 -19.04
C GLN A 493 4.31 27.55 -19.35
N PRO A 494 3.34 27.62 -18.44
CA PRO A 494 2.05 26.97 -18.71
C PRO A 494 1.40 27.59 -19.93
N GLU A 495 0.88 26.72 -20.81
CA GLU A 495 0.26 27.19 -22.03
C GLU A 495 -1.26 27.03 -22.01
N TYR A 496 -1.77 26.17 -21.14
CA TYR A 496 -3.19 25.94 -20.94
C TYR A 496 -3.41 25.72 -19.45
N GLU A 497 -4.67 25.45 -19.10
CA GLU A 497 -4.94 24.77 -17.84
C GLU A 497 -4.02 23.56 -17.72
N TYR A 498 -3.45 23.35 -16.54
CA TYR A 498 -2.66 22.14 -16.32
C TYR A 498 -2.71 21.76 -14.84
N ILE A 499 -2.46 20.48 -14.59
CA ILE A 499 -2.12 19.95 -13.27
C ILE A 499 -0.81 19.18 -13.41
N TYR A 500 0.13 19.41 -12.48
CA TYR A 500 1.38 18.67 -12.42
C TYR A 500 1.58 18.14 -11.02
N PHE A 501 2.05 16.90 -10.88
CA PHE A 501 2.41 16.43 -9.55
C PHE A 501 3.86 16.01 -9.55
N GLY A 502 4.60 16.48 -8.56
CA GLY A 502 6.02 16.21 -8.49
C GLY A 502 6.42 15.49 -7.22
N GLU A 503 5.45 15.14 -6.39
CA GLU A 503 5.79 14.52 -5.12
C GLU A 503 4.56 13.81 -4.59
N GLY A 504 4.77 12.64 -3.99
CA GLY A 504 3.70 11.90 -3.35
C GLY A 504 3.96 11.72 -1.87
N LEU A 505 2.91 11.42 -1.11
CA LEU A 505 3.01 11.09 0.30
C LEU A 505 2.21 9.82 0.57
N LEU A 506 2.81 8.89 1.30
CA LEU A 506 2.14 7.64 1.67
C LEU A 506 1.88 7.64 3.17
N GLY A 507 0.64 7.31 3.55
CA GLY A 507 0.34 7.04 4.93
C GLY A 507 -0.15 5.62 5.05
N GLY A 508 0.74 4.71 5.48
CA GLY A 508 0.33 3.34 5.75
C GLY A 508 -0.25 3.20 7.15
N ARG A 509 -1.10 2.18 7.32
CA ARG A 509 -1.81 1.93 8.58
C ARG A 509 -1.45 0.54 9.07
N THR A 510 -0.81 0.46 10.24
CA THR A 510 -0.39 -0.81 10.83
C THR A 510 -0.90 -0.84 12.26
N THR A 511 -2.05 -1.50 12.48
CA THR A 511 -2.71 -1.44 13.78
C THR A 511 -2.33 -2.60 14.71
N ASP A 512 -1.79 -3.68 14.20
CA ASP A 512 -1.22 -4.67 15.08
C ASP A 512 0.19 -4.22 15.51
N ALA A 513 0.77 -4.94 16.45
CA ALA A 513 2.05 -4.53 17.00
C ALA A 513 3.20 -5.03 16.11
N SER A 514 3.28 -4.44 14.91
N SER A 514 3.27 -4.45 14.92
CA SER A 514 4.37 -4.67 13.97
CA SER A 514 4.40 -4.68 14.02
C SER A 514 4.93 -3.34 13.51
C SER A 514 4.94 -3.35 13.52
N VAL A 515 6.15 -3.38 12.98
CA VAL A 515 6.77 -2.22 12.32
C VAL A 515 6.97 -2.59 10.86
N CYS A 516 6.39 -1.81 9.96
N CYS A 516 6.37 -1.83 9.95
CA CYS A 516 6.48 -2.08 8.53
CA CYS A 516 6.46 -2.08 8.52
C CYS A 516 7.33 -1.02 7.86
C CYS A 516 7.33 -1.02 7.87
N PHE A 517 8.44 -1.44 7.24
CA PHE A 517 9.26 -0.54 6.46
C PHE A 517 8.84 -0.59 5.00
N ALA A 518 8.81 0.57 4.36
CA ALA A 518 8.39 0.69 2.97
C ALA A 518 9.40 1.52 2.21
N LEU A 519 9.86 1.02 1.08
CA LEU A 519 10.77 1.74 0.20
C LEU A 519 10.08 1.91 -1.13
N TRP A 520 9.89 3.16 -1.57
CA TRP A 520 9.14 3.37 -2.80
C TRP A 520 9.56 4.67 -3.46
N SER A 521 9.24 4.78 -4.74
CA SER A 521 9.65 5.93 -5.51
C SER A 521 8.44 6.45 -6.28
N LEU A 522 8.30 7.77 -6.33
CA LEU A 522 7.28 8.44 -7.11
C LEU A 522 7.85 9.74 -7.63
N ALA A 523 7.71 9.96 -8.93
CA ALA A 523 8.26 11.13 -9.60
C ALA A 523 9.77 11.22 -9.37
N GLY A 524 10.40 10.07 -9.21
CA GLY A 524 11.84 10.02 -9.03
C GLY A 524 12.30 10.28 -7.61
N ILE A 525 11.39 10.61 -6.70
CA ILE A 525 11.75 10.86 -5.31
C ILE A 525 11.64 9.55 -4.55
N LEU A 526 12.74 9.13 -3.91
CA LEU A 526 12.79 7.91 -3.13
C LEU A 526 12.40 8.19 -1.69
N THR A 527 11.46 7.41 -1.17
CA THR A 527 11.06 7.52 0.23
C THR A 527 11.32 6.20 0.92
N LEU A 528 12.02 6.24 2.04
CA LEU A 528 12.07 5.14 2.99
C LEU A 528 11.25 5.54 4.20
N GLN A 529 10.26 4.73 4.56
CA GLN A 529 9.47 5.08 5.74
C GLN A 529 9.12 3.84 6.54
N ALA A 530 8.77 4.07 7.81
CA ALA A 530 8.28 3.02 8.69
C ALA A 530 6.91 3.43 9.20
N HIS A 531 5.95 2.51 9.18
CA HIS A 531 4.68 2.80 9.83
C HIS A 531 4.38 1.77 10.91
N PHE A 532 3.79 2.23 12.00
CA PHE A 532 3.61 1.45 13.23
C PHE A 532 2.81 2.32 14.18
N ASP A 533 2.24 1.70 15.21
CA ASP A 533 1.53 2.46 16.24
C ASP A 533 2.48 2.75 17.40
N SER A 534 2.57 4.02 17.80
CA SER A 534 3.47 4.34 18.92
C SER A 534 2.96 3.86 20.27
N ARG A 535 1.75 3.29 20.33
CA ARG A 535 1.36 2.61 21.55
C ARG A 535 2.13 1.32 21.76
N PHE A 536 2.77 0.78 20.71
CA PHE A 536 3.41 -0.53 20.82
C PHE A 536 4.93 -0.52 20.66
N PHE A 537 5.51 0.54 20.10
CA PHE A 537 6.95 0.62 19.87
C PHE A 537 7.43 2.01 20.26
N ASP A 538 8.68 2.05 20.73
CA ASP A 538 9.38 3.30 20.99
C ASP A 538 9.72 3.99 19.67
N ALA A 539 9.00 5.07 19.36
CA ALA A 539 9.21 5.74 18.07
C ALA A 539 10.63 6.30 17.95
N GLN A 540 11.27 6.64 19.07
CA GLN A 540 12.64 7.15 19.01
C GLN A 540 13.58 6.10 18.45
N VAL A 541 13.35 4.84 18.81
CA VAL A 541 14.18 3.75 18.31
C VAL A 541 14.00 3.59 16.80
N ILE A 542 12.76 3.63 16.33
CA ILE A 542 12.51 3.51 14.89
C ILE A 542 13.15 4.68 14.14
N ASP A 543 13.02 5.87 14.71
CA ASP A 543 13.63 7.05 14.09
C ASP A 543 15.14 6.88 13.96
N THR A 544 15.78 6.30 14.98
CA THR A 544 17.22 6.09 14.95
C THR A 544 17.59 5.06 13.90
N ILE A 545 16.76 4.02 13.74
CA ILE A 545 17.06 3.01 12.72
C ILE A 545 16.97 3.63 11.33
N LEU A 546 15.96 4.44 11.09
CA LEU A 546 15.85 5.09 9.78
C LEU A 546 17.05 5.98 9.50
N ASP A 547 17.49 6.74 10.50
CA ASP A 547 18.66 7.59 10.33
C ASP A 547 19.90 6.76 10.06
N ASP A 548 20.07 5.66 10.79
CA ASP A 548 21.19 4.76 10.56
C ASP A 548 21.21 4.25 9.12
N VAL A 549 20.04 3.84 8.63
CA VAL A 549 19.97 3.27 7.28
C VAL A 549 20.35 4.32 6.25
N VAL A 550 19.77 5.52 6.36
CA VAL A 550 20.12 6.57 5.40
C VAL A 550 21.60 6.90 5.46
N LEU A 551 22.19 6.94 6.66
CA LEU A 551 23.61 7.21 6.78
C LEU A 551 24.42 6.13 6.11
N GLN A 552 24.01 4.86 6.26
CA GLN A 552 24.78 3.78 5.66
C GLN A 552 24.62 3.76 4.14
N LEU A 553 23.42 4.08 3.64
CA LEU A 553 23.22 4.22 2.21
C LEU A 553 24.17 5.26 1.64
N ARG A 554 24.23 6.43 2.28
CA ARG A 554 25.06 7.50 1.73
C ARG A 554 26.54 7.19 1.85
N ARG A 555 26.98 6.62 2.97
CA ARG A 555 28.39 6.27 3.10
C ARG A 555 28.81 5.17 2.14
N SER A 556 27.97 4.14 1.97
CA SER A 556 28.33 3.05 1.06
C SER A 556 28.30 3.53 -0.38
N ALA A 557 27.34 4.39 -0.73
CA ALA A 557 27.30 4.95 -2.07
C ALA A 557 28.52 5.82 -2.34
N ALA A 558 28.92 6.64 -1.37
CA ALA A 558 30.10 7.48 -1.57
C ALA A 558 31.36 6.64 -1.80
N SER A 559 31.47 5.51 -1.11
CA SER A 559 32.62 4.64 -1.30
C SER A 559 32.57 3.93 -2.64
N ALA A 560 31.37 3.50 -3.06
CA ALA A 560 31.22 2.89 -4.37
C ALA A 560 31.54 3.90 -5.47
N VAL A 561 31.09 5.14 -5.31
CA VAL A 561 31.36 6.17 -6.31
C VAL A 561 32.82 6.59 -6.30
N ASP A 562 33.48 6.50 -5.15
CA ASP A 562 34.92 6.80 -5.09
C ASP A 562 35.69 5.83 -5.99
N GLU A 563 35.33 4.55 -5.96
CA GLU A 563 36.03 3.58 -6.80
C GLU A 563 35.57 3.65 -8.25
N ALA A 564 34.34 4.10 -8.50
CA ALA A 564 33.78 4.17 -9.85
C ALA A 564 33.06 5.51 -10.03
N PRO A 565 33.81 6.59 -10.22
CA PRO A 565 33.17 7.93 -10.26
C PRO A 565 32.21 8.09 -11.43
N GLU A 566 32.31 7.25 -12.46
CA GLU A 566 31.35 7.27 -13.56
C GLU A 566 29.92 7.13 -13.05
N ALA A 567 29.73 6.51 -11.85
CA ALA A 567 28.39 6.26 -11.31
C ALA A 567 27.67 7.55 -10.90
N LYS A 568 28.34 8.70 -10.97
CA LYS A 568 27.72 9.99 -10.67
C LYS A 568 26.88 10.54 -11.82
N LEU A 569 27.01 9.98 -13.02
CA LEU A 569 26.33 10.52 -14.21
C LEU A 569 24.91 9.96 -14.43
#